data_4L09
#
_entry.id   4L09
#
_cell.length_a   91.650
_cell.length_b   98.440
_cell.length_c   118.210
_cell.angle_alpha   90.00
_cell.angle_beta   90.00
_cell.angle_gamma   90.00
#
_symmetry.space_group_name_H-M   'C 2 2 21'
#
loop_
_entity.id
_entity.type
_entity.pdbx_description
1 polymer Tankyrase-2
2 polymer Tankyrase-2
3 non-polymer '4-(4-oxo-4H-chromen-2-yl)benzoic acid'
4 non-polymer 'ZINC ION'
5 non-polymer 'SULFATE ION'
6 non-polymer GLYCEROL
7 water water
#
loop_
_entity_poly.entity_id
_entity_poly.type
_entity_poly.pdbx_seq_one_letter_code
_entity_poly.pdbx_strand_id
1 'polypeptide(L)'
;MHHHHHHSSGVDLGTENLYFQSMLNTSGSGTILIDLSPDDKEFQSVEEEMQSTVREHRDGGHAGGIFNRYNILKIQKVCN
KKLWERYTHRRKEVSEENHNHANERMLFHGSPFVNAIIHKGFDERHAYIGGMFGAGIYFAENSSKSNQYVYGIGGGTGCP
VHKDRSCYICHRQLLFCRVTLGKSFLQFSAM
;
A,B
2 'polypeptide(L)' KMAHSPPGHHSVTGRPSVNGLALAEYVIYRGEQAYPEYLITYQIMRPEG C,D
#
loop_
_chem_comp.id
_chem_comp.type
_chem_comp.name
_chem_comp.formula
1UR non-polymer '4-(4-oxo-4H-chromen-2-yl)benzoic acid' 'C16 H10 O4'
GOL non-polymer GLYCEROL 'C3 H8 O3'
SO4 non-polymer 'SULFATE ION' 'O4 S -2'
ZN non-polymer 'ZINC ION' 'Zn 2'
#
# COMPACT_ATOMS: atom_id res chain seq x y z
N GLY A 30 -12.26 17.56 -31.55
CA GLY A 30 -12.81 16.43 -32.34
C GLY A 30 -13.62 15.46 -31.51
N THR A 31 -13.72 15.66 -30.21
CA THR A 31 -14.52 14.73 -29.40
C THR A 31 -16.02 15.08 -29.43
N ILE A 32 -16.85 14.06 -29.68
CA ILE A 32 -18.25 14.19 -29.39
C ILE A 32 -18.72 13.09 -28.41
N LEU A 33 -19.68 13.46 -27.56
CA LEU A 33 -20.26 12.56 -26.54
C LEU A 33 -21.71 12.15 -26.90
N ILE A 34 -21.95 10.85 -27.05
CA ILE A 34 -23.25 10.32 -27.39
C ILE A 34 -23.88 9.67 -26.16
N ASP A 35 -25.04 10.18 -25.75
CA ASP A 35 -25.74 9.63 -24.59
C ASP A 35 -26.30 8.28 -24.86
N LEU A 36 -26.12 7.35 -23.95
CA LEU A 36 -26.75 6.08 -24.16
C LEU A 36 -28.09 6.08 -23.42
N SER A 37 -29.08 5.41 -23.98
CA SER A 37 -30.33 5.28 -23.32
C SER A 37 -30.18 4.19 -22.26
N PRO A 38 -30.82 4.35 -21.11
CA PRO A 38 -30.80 3.23 -20.16
C PRO A 38 -31.43 1.92 -20.67
N ASP A 39 -32.22 1.98 -21.75
CA ASP A 39 -32.83 0.81 -22.38
C ASP A 39 -31.84 0.08 -23.26
N ASP A 40 -30.70 0.70 -23.54
CA ASP A 40 -29.71 0.16 -24.47
C ASP A 40 -28.91 -0.91 -23.71
N LYS A 41 -28.72 -2.06 -24.35
CA LYS A 41 -27.99 -3.15 -23.70
C LYS A 41 -26.55 -2.74 -23.41
N GLU A 42 -26.03 -1.78 -24.18
CA GLU A 42 -24.71 -1.26 -23.98
C GLU A 42 -24.62 -0.43 -22.67
N PHE A 43 -25.62 0.40 -22.40
CA PHE A 43 -25.74 1.09 -21.11
C PHE A 43 -25.78 0.03 -20.02
N GLN A 44 -26.61 -0.98 -20.21
CA GLN A 44 -26.84 -1.93 -19.14
C GLN A 44 -25.59 -2.73 -18.78
N SER A 45 -24.79 -3.14 -19.79
CA SER A 45 -23.60 -3.94 -19.50
C SER A 45 -22.50 -3.08 -18.84
N VAL A 46 -22.40 -1.81 -19.23
CA VAL A 46 -21.46 -0.89 -18.58
C VAL A 46 -21.89 -0.58 -17.13
N GLU A 47 -23.19 -0.31 -16.90
CA GLU A 47 -23.69 -0.14 -15.53
C GLU A 47 -23.36 -1.37 -14.69
N GLU A 48 -23.60 -2.55 -15.22
CA GLU A 48 -23.37 -3.78 -14.42
C GLU A 48 -21.87 -3.93 -14.00
N GLU A 49 -20.95 -3.59 -14.90
CA GLU A 49 -19.51 -3.62 -14.57
C GLU A 49 -19.19 -2.63 -13.46
N MET A 50 -19.76 -1.43 -13.59
CA MET A 50 -19.66 -0.43 -12.53
C MET A 50 -20.15 -0.97 -11.16
N GLN A 51 -21.35 -1.52 -11.12
CA GLN A 51 -21.98 -1.88 -9.85
C GLN A 51 -21.34 -3.14 -9.24
N SER A 52 -21.05 -4.13 -10.07
CA SER A 52 -20.64 -5.43 -9.57
C SER A 52 -19.18 -5.41 -9.13
N THR A 53 -18.42 -4.38 -9.50
CA THR A 53 -17.01 -4.31 -9.05
C THR A 53 -16.76 -3.34 -7.89
N VAL A 54 -17.80 -2.92 -7.19
CA VAL A 54 -17.62 -2.21 -5.90
C VAL A 54 -17.11 -3.20 -4.83
N ARG A 55 -16.13 -2.79 -4.03
CA ARG A 55 -15.72 -3.54 -2.86
C ARG A 55 -15.51 -2.56 -1.75
N GLU A 56 -15.39 -3.08 -0.52
CA GLU A 56 -14.89 -2.34 0.63
C GLU A 56 -13.38 -2.10 0.52
N HIS A 57 -12.95 -0.99 1.08
CA HIS A 57 -11.57 -0.55 0.97
C HIS A 57 -10.99 -0.48 2.36
N ARG A 58 -9.68 -0.65 2.41
CA ARG A 58 -8.98 -0.81 3.68
C ARG A 58 -8.89 0.48 4.45
N ASP A 59 -9.18 1.61 3.79
CA ASP A 59 -9.28 2.88 4.49
C ASP A 59 -10.63 3.19 5.17
N GLY A 60 -11.51 2.21 5.24
CA GLY A 60 -12.86 2.41 5.76
C GLY A 60 -13.71 3.46 5.03
N GLY A 61 -13.35 3.83 3.80
CA GLY A 61 -14.04 4.88 3.03
C GLY A 61 -13.40 6.25 3.05
N HIS A 62 -12.24 6.37 3.67
CA HIS A 62 -11.62 7.68 3.84
C HIS A 62 -11.39 8.39 2.51
N ALA A 63 -10.83 7.72 1.50
CA ALA A 63 -10.54 8.35 0.24
C ALA A 63 -11.77 8.55 -0.63
N GLY A 64 -12.58 7.50 -0.77
CA GLY A 64 -13.61 7.47 -1.76
C GLY A 64 -15.03 7.60 -1.25
N GLY A 65 -15.20 7.57 0.08
CA GLY A 65 -16.53 7.58 0.67
C GLY A 65 -17.04 6.23 1.10
N ILE A 66 -18.18 6.24 1.81
CA ILE A 66 -18.80 5.02 2.31
C ILE A 66 -20.05 4.72 1.46
N PHE A 67 -20.08 3.55 0.81
CA PHE A 67 -21.15 3.21 -0.12
C PHE A 67 -20.95 1.77 -0.54
N ASN A 68 -22.04 1.13 -0.95
CA ASN A 68 -21.98 -0.21 -1.54
C ASN A 68 -22.42 -0.24 -2.98
N ARG A 69 -23.01 0.86 -3.46
CA ARG A 69 -23.46 0.93 -4.84
C ARG A 69 -23.56 2.40 -5.27
N TYR A 70 -23.77 2.60 -6.56
CA TYR A 70 -23.88 3.91 -7.15
C TYR A 70 -25.29 4.21 -7.66
N ASN A 71 -25.61 5.50 -7.78
CA ASN A 71 -26.74 5.97 -8.58
C ASN A 71 -26.15 6.43 -9.92
N ILE A 72 -26.35 5.65 -10.97
CA ILE A 72 -25.80 6.00 -12.26
C ILE A 72 -26.72 7.05 -12.90
N LEU A 73 -26.16 8.19 -13.28
CA LEU A 73 -26.95 9.30 -13.82
C LEU A 73 -26.90 9.40 -15.34
N LYS A 74 -25.76 9.06 -15.94
CA LYS A 74 -25.61 9.13 -17.36
C LYS A 74 -24.42 8.27 -17.81
N ILE A 75 -24.51 7.67 -19.01
CA ILE A 75 -23.38 6.99 -19.63
C ILE A 75 -23.28 7.49 -21.07
N GLN A 76 -22.13 8.04 -21.43
CA GLN A 76 -21.88 8.56 -22.77
C GLN A 76 -20.71 7.82 -23.42
N LYS A 77 -20.88 7.48 -24.70
CA LYS A 77 -19.81 7.01 -25.54
C LYS A 77 -18.96 8.19 -26.00
N VAL A 78 -17.65 8.01 -25.91
CA VAL A 78 -16.69 9.04 -26.27
C VAL A 78 -16.22 8.73 -27.66
N CYS A 79 -16.45 9.63 -28.61
CA CYS A 79 -16.07 9.42 -30.01
C CYS A 79 -15.09 10.49 -30.47
N ASN A 80 -13.86 10.05 -30.75
CA ASN A 80 -12.85 10.91 -31.33
C ASN A 80 -12.01 10.06 -32.28
N LYS A 81 -12.14 10.35 -33.57
CA LYS A 81 -11.48 9.59 -34.63
C LYS A 81 -9.97 9.60 -34.49
N LYS A 82 -9.41 10.78 -34.29
CA LYS A 82 -7.98 10.88 -34.16
C LYS A 82 -7.42 10.07 -32.97
N LEU A 83 -8.08 10.16 -31.80
CA LEU A 83 -7.63 9.47 -30.62
C LEU A 83 -7.80 7.97 -30.77
N TRP A 84 -8.87 7.54 -31.44
CA TRP A 84 -9.12 6.12 -31.73
C TRP A 84 -8.02 5.53 -32.61
N GLU A 85 -7.66 6.23 -33.67
CA GLU A 85 -6.62 5.77 -34.58
C GLU A 85 -5.23 5.76 -33.95
N ARG A 86 -4.99 6.72 -33.06
CA ARG A 86 -3.80 6.68 -32.26
C ARG A 86 -3.74 5.40 -31.38
N TYR A 87 -4.85 5.08 -30.74
CA TYR A 87 -4.96 3.84 -29.96
C TYR A 87 -4.77 2.57 -30.81
N THR A 88 -5.47 2.47 -31.93
CA THR A 88 -5.40 1.22 -32.75
C THR A 88 -4.02 1.07 -33.40
N HIS A 89 -3.38 2.19 -33.72
CA HIS A 89 -2.02 2.15 -34.25
C HIS A 89 -1.09 1.43 -33.25
N ARG A 90 -1.14 1.89 -32.00
CA ARG A 90 -0.29 1.39 -30.95
C ARG A 90 -0.65 -0.07 -30.57
N ARG A 91 -1.93 -0.40 -30.59
CA ARG A 91 -2.41 -1.71 -30.31
C ARG A 91 -1.82 -2.72 -31.28
N LYS A 92 -1.84 -2.38 -32.57
CA LYS A 92 -1.18 -3.21 -33.60
C LYS A 92 0.30 -3.38 -33.36
N GLU A 93 1.00 -2.35 -32.94
CA GLU A 93 2.43 -2.53 -32.63
C GLU A 93 2.64 -3.51 -31.46
N VAL A 94 1.90 -3.30 -30.37
CA VAL A 94 2.01 -4.20 -29.24
C VAL A 94 1.66 -5.62 -29.66
N SER A 95 0.56 -5.78 -30.37
CA SER A 95 0.09 -7.05 -30.80
C SER A 95 1.17 -7.81 -31.57
N GLU A 96 1.82 -7.11 -32.50
CA GLU A 96 2.84 -7.72 -33.32
C GLU A 96 4.12 -8.09 -32.56
N GLU A 97 4.33 -7.44 -31.40
CA GLU A 97 5.40 -7.80 -30.45
C GLU A 97 5.01 -8.92 -29.45
N ASN A 98 3.75 -9.38 -29.49
CA ASN A 98 3.25 -10.34 -28.49
C ASN A 98 2.38 -11.38 -29.19
N HIS A 99 2.95 -12.09 -30.16
CA HIS A 99 2.26 -13.19 -30.87
C HIS A 99 0.83 -12.87 -31.20
N ASN A 100 0.64 -11.71 -31.80
CA ASN A 100 -0.65 -11.20 -32.22
C ASN A 100 -1.72 -11.16 -31.13
N HIS A 101 -1.30 -10.75 -29.95
CA HIS A 101 -2.22 -10.65 -28.81
C HIS A 101 -2.03 -9.30 -28.12
N ALA A 102 -2.97 -8.39 -28.33
CA ALA A 102 -2.92 -7.05 -27.65
C ALA A 102 -3.17 -7.16 -26.16
N ASN A 103 -3.87 -8.22 -25.74
CA ASN A 103 -4.22 -8.42 -24.33
C ASN A 103 -5.00 -7.20 -23.84
N GLU A 104 -6.11 -6.96 -24.53
CA GLU A 104 -6.93 -5.79 -24.33
C GLU A 104 -8.02 -6.00 -23.26
N ARG A 105 -8.13 -5.02 -22.37
CA ARG A 105 -9.06 -5.10 -21.23
C ARG A 105 -9.95 -3.84 -21.21
N MET A 106 -11.08 -3.92 -20.51
CA MET A 106 -11.87 -2.75 -20.15
C MET A 106 -11.70 -2.47 -18.67
N LEU A 107 -11.19 -1.29 -18.35
CA LEU A 107 -10.83 -0.97 -16.98
C LEU A 107 -11.24 0.46 -16.64
N PHE A 108 -11.32 0.74 -15.34
CA PHE A 108 -11.78 2.02 -14.86
C PHE A 108 -10.64 2.95 -14.62
N HIS A 109 -10.91 4.25 -14.83
CA HIS A 109 -9.94 5.29 -14.47
C HIS A 109 -10.70 6.48 -13.87
N GLY A 110 -10.28 6.91 -12.68
CA GLY A 110 -10.85 8.08 -12.00
C GLY A 110 -9.82 9.18 -11.84
N SER A 111 -10.18 10.41 -12.20
CA SER A 111 -9.24 11.52 -12.19
C SER A 111 -9.90 12.87 -12.19
N PRO A 112 -9.27 13.86 -11.54
CA PRO A 112 -9.78 15.23 -11.76
C PRO A 112 -9.66 15.70 -13.20
N PHE A 113 -8.90 14.99 -14.03
CA PHE A 113 -8.65 15.48 -15.38
C PHE A 113 -9.43 14.75 -16.48
N VAL A 114 -10.54 14.09 -16.13
CA VAL A 114 -11.26 13.32 -17.12
C VAL A 114 -11.76 14.20 -18.27
N ASN A 115 -12.10 15.47 -18.00
CA ASN A 115 -12.47 16.37 -19.14
C ASN A 115 -11.34 16.62 -20.10
N ALA A 116 -10.11 16.84 -19.63
CA ALA A 116 -8.98 16.91 -20.55
C ALA A 116 -8.72 15.57 -21.27
N ILE A 117 -8.86 14.47 -20.56
CA ILE A 117 -8.56 13.17 -21.17
C ILE A 117 -9.49 12.89 -22.34
N ILE A 118 -10.79 13.13 -22.16
CA ILE A 118 -11.71 12.82 -23.26
C ILE A 118 -11.51 13.70 -24.51
N HIS A 119 -10.93 14.88 -24.34
CA HIS A 119 -10.68 15.80 -25.44
C HIS A 119 -9.33 15.67 -26.08
N LYS A 120 -8.31 15.38 -25.29
CA LYS A 120 -6.92 15.36 -25.77
C LYS A 120 -6.21 14.00 -25.64
N GLY A 121 -6.80 13.03 -24.96
CA GLY A 121 -6.23 11.68 -24.86
C GLY A 121 -5.42 11.59 -23.58
N PHE A 122 -5.10 10.36 -23.17
CA PHE A 122 -4.15 10.18 -22.09
C PHE A 122 -2.73 10.61 -22.52
N ASP A 123 -1.98 11.24 -21.63
CA ASP A 123 -0.56 11.43 -21.83
C ASP A 123 0.21 11.52 -20.50
N GLU A 124 1.51 11.74 -20.60
CA GLU A 124 2.41 11.94 -19.44
C GLU A 124 1.82 12.80 -18.31
N ARG A 125 0.96 13.76 -18.63
CA ARG A 125 0.36 14.62 -17.60
C ARG A 125 -0.71 13.96 -16.74
N HIS A 126 -1.10 12.74 -17.08
CA HIS A 126 -2.08 11.97 -16.29
C HIS A 126 -1.44 10.80 -15.50
N ALA A 127 -0.11 10.82 -15.43
CA ALA A 127 0.70 9.81 -14.73
C ALA A 127 0.56 9.97 -13.22
N TYR A 128 0.65 8.87 -12.48
CA TYR A 128 0.65 8.87 -11.02
C TYR A 128 2.14 8.79 -10.66
N ILE A 129 2.77 9.95 -10.51
CA ILE A 129 4.21 10.01 -10.32
C ILE A 129 4.64 9.18 -9.12
N GLY A 130 3.94 9.29 -8.00
CA GLY A 130 4.27 8.48 -6.82
C GLY A 130 3.63 7.10 -6.70
N GLY A 131 3.11 6.53 -7.78
CA GLY A 131 2.41 5.24 -7.69
C GLY A 131 3.37 4.11 -7.36
N MET A 132 2.85 3.01 -6.83
CA MET A 132 3.72 1.93 -6.33
C MET A 132 4.44 1.16 -7.41
N PHE A 133 3.98 1.28 -8.66
CA PHE A 133 4.56 0.61 -9.80
C PHE A 133 5.25 1.62 -10.72
N GLY A 134 5.64 2.76 -10.16
CA GLY A 134 6.34 3.78 -10.93
C GLY A 134 5.39 4.74 -11.64
N ALA A 135 5.98 5.75 -12.26
CA ALA A 135 5.24 6.81 -12.89
C ALA A 135 4.59 6.31 -14.18
N GLY A 136 3.34 5.90 -14.11
CA GLY A 136 2.58 5.57 -15.31
C GLY A 136 1.12 5.92 -15.08
N ILE A 137 0.26 5.50 -16.00
CA ILE A 137 -1.15 5.81 -15.90
C ILE A 137 -1.81 4.54 -15.36
N TYR A 138 -2.58 4.68 -14.30
CA TYR A 138 -3.11 3.57 -13.52
C TYR A 138 -4.60 3.32 -13.84
N PHE A 139 -4.97 2.05 -13.85
CA PHE A 139 -6.35 1.60 -14.14
C PHE A 139 -6.74 0.52 -13.13
N ALA A 140 -8.03 0.38 -12.86
CA ALA A 140 -8.52 -0.60 -11.87
C ALA A 140 -9.63 -1.48 -12.45
N GLU A 141 -9.63 -2.78 -12.07
CA GLU A 141 -10.81 -3.64 -12.28
C GLU A 141 -11.94 -3.25 -11.34
N ASN A 142 -11.61 -2.80 -10.15
CA ASN A 142 -12.63 -2.39 -9.19
C ASN A 142 -13.02 -0.95 -9.47
N SER A 143 -14.27 -0.72 -9.89
CA SER A 143 -14.73 0.67 -10.03
C SER A 143 -14.50 1.53 -8.76
N SER A 144 -14.71 0.90 -7.59
CA SER A 144 -14.58 1.63 -6.31
C SER A 144 -13.12 2.05 -5.99
N LYS A 145 -12.16 1.32 -6.54
CA LYS A 145 -10.77 1.77 -6.49
C LYS A 145 -10.54 3.07 -7.29
N SER A 146 -10.98 3.12 -8.54
CA SER A 146 -10.84 4.36 -9.35
C SER A 146 -11.64 5.51 -8.72
N ASN A 147 -12.74 5.18 -8.07
CA ASN A 147 -13.57 6.20 -7.40
C ASN A 147 -12.77 6.97 -6.33
N GLN A 148 -11.77 6.30 -5.73
CA GLN A 148 -10.92 6.94 -4.71
C GLN A 148 -10.04 8.04 -5.30
N TYR A 149 -9.89 8.09 -6.61
CA TYR A 149 -9.05 9.09 -7.24
C TYR A 149 -9.81 10.22 -7.93
N VAL A 150 -11.14 10.13 -7.98
CA VAL A 150 -11.94 11.14 -8.69
C VAL A 150 -11.63 12.59 -8.24
N TYR A 151 -11.45 12.81 -6.93
CA TYR A 151 -11.09 14.12 -6.41
C TYR A 151 -9.62 14.28 -6.11
N GLY A 152 -8.80 13.38 -6.64
CA GLY A 152 -7.34 13.51 -6.44
C GLY A 152 -6.80 12.32 -5.70
N ILE A 153 -5.49 12.27 -5.53
CA ILE A 153 -4.83 11.19 -4.80
C ILE A 153 -5.36 11.18 -3.36
N GLY A 154 -5.62 10.00 -2.82
CA GLY A 154 -6.20 9.93 -1.49
C GLY A 154 -7.60 10.58 -1.38
N GLY A 155 -8.22 10.89 -2.52
CA GLY A 155 -9.45 11.66 -2.50
C GLY A 155 -9.34 13.18 -2.34
N GLY A 156 -8.11 13.72 -2.29
CA GLY A 156 -7.87 15.13 -2.20
C GLY A 156 -8.55 15.70 -0.98
N THR A 157 -9.19 16.84 -1.17
CA THR A 157 -10.04 17.42 -0.14
C THR A 157 -11.54 17.12 -0.37
N GLY A 158 -11.86 16.09 -1.12
CA GLY A 158 -13.25 15.81 -1.45
C GLY A 158 -13.85 16.73 -2.51
N CYS A 159 -15.18 16.72 -2.57
CA CYS A 159 -15.89 17.42 -3.63
C CYS A 159 -15.57 18.91 -3.57
N PRO A 160 -15.47 19.60 -4.71
CA PRO A 160 -15.24 21.07 -4.66
C PRO A 160 -16.28 21.86 -3.87
N VAL A 161 -17.51 21.42 -3.83
CA VAL A 161 -18.56 22.26 -3.28
C VAL A 161 -18.65 22.13 -1.79
N HIS A 162 -18.59 20.90 -1.29
CA HIS A 162 -18.76 20.62 0.15
C HIS A 162 -17.47 20.19 0.87
N LYS A 163 -16.37 20.04 0.15
CA LYS A 163 -15.11 19.49 0.69
C LYS A 163 -15.32 18.17 1.40
N ASP A 164 -16.14 17.29 0.82
CA ASP A 164 -16.51 16.02 1.47
C ASP A 164 -16.11 14.81 0.57
N ARG A 165 -15.17 13.99 1.01
CA ARG A 165 -14.76 12.84 0.18
C ARG A 165 -15.83 11.78 0.09
N SER A 166 -16.81 11.84 1.01
CA SER A 166 -17.94 10.94 1.00
C SER A 166 -19.22 11.65 0.57
N CYS A 167 -19.10 12.70 -0.23
CA CYS A 167 -20.29 13.46 -0.63
C CYS A 167 -21.27 12.60 -1.39
N TYR A 168 -22.53 12.61 -0.94
CA TYR A 168 -23.60 11.86 -1.60
C TYR A 168 -24.44 12.70 -2.59
N ILE A 169 -24.13 13.98 -2.71
CA ILE A 169 -24.89 14.92 -3.53
C ILE A 169 -24.21 15.22 -4.85
N CYS A 170 -22.93 15.47 -4.78
CA CYS A 170 -22.20 16.01 -5.92
C CYS A 170 -22.01 14.89 -6.97
N HIS A 171 -22.03 15.28 -8.24
CA HIS A 171 -21.89 14.36 -9.37
C HIS A 171 -20.44 14.04 -9.60
N ARG A 172 -20.14 12.75 -9.75
CA ARG A 172 -18.80 12.23 -9.98
C ARG A 172 -18.72 11.65 -11.38
N GLN A 173 -17.52 11.58 -11.93
CA GLN A 173 -17.31 10.96 -13.23
C GLN A 173 -16.14 9.94 -13.24
N LEU A 174 -16.35 8.76 -13.82
CA LEU A 174 -15.27 7.80 -14.07
C LEU A 174 -15.20 7.59 -15.57
N LEU A 175 -14.04 7.13 -16.03
CA LEU A 175 -13.90 6.57 -17.39
C LEU A 175 -13.85 5.07 -17.34
N PHE A 176 -14.54 4.41 -18.28
CA PHE A 176 -14.39 2.99 -18.54
C PHE A 176 -13.67 2.88 -19.88
N CYS A 177 -12.46 2.35 -19.84
CA CYS A 177 -11.49 2.53 -20.92
C CYS A 177 -11.05 1.22 -21.51
N ARG A 178 -10.68 1.25 -22.78
CA ARG A 178 -10.12 0.09 -23.46
C ARG A 178 -8.62 0.26 -23.33
N VAL A 179 -7.96 -0.74 -22.74
CA VAL A 179 -6.54 -0.62 -22.39
C VAL A 179 -5.78 -1.82 -22.99
N THR A 180 -4.69 -1.53 -23.69
CA THR A 180 -3.84 -2.59 -24.28
C THR A 180 -2.75 -2.90 -23.26
N LEU A 181 -2.73 -4.12 -22.75
CA LEU A 181 -1.70 -4.51 -21.77
C LEU A 181 -0.49 -5.18 -22.40
N GLY A 182 -0.67 -5.78 -23.57
CA GLY A 182 0.34 -6.63 -24.18
C GLY A 182 0.98 -7.59 -23.18
N LYS A 183 2.29 -7.65 -23.18
CA LYS A 183 2.99 -8.54 -22.23
C LYS A 183 3.13 -7.78 -20.93
N SER A 184 2.41 -8.24 -19.91
CA SER A 184 2.34 -7.48 -18.67
C SER A 184 3.28 -8.07 -17.62
N PHE A 185 4.04 -7.23 -16.94
CA PHE A 185 4.92 -7.67 -15.87
C PHE A 185 4.09 -7.85 -14.58
N LEU A 186 4.15 -9.04 -14.00
CA LEU A 186 3.33 -9.42 -12.84
C LEU A 186 4.07 -9.08 -11.55
N GLN A 187 3.51 -8.16 -10.77
CA GLN A 187 4.05 -7.73 -9.50
C GLN A 187 3.07 -8.23 -8.44
N PHE A 188 3.51 -9.15 -7.59
CA PHE A 188 2.72 -9.60 -6.47
C PHE A 188 2.91 -8.44 -5.51
N SER A 189 1.89 -8.09 -4.74
CA SER A 189 2.03 -6.94 -3.88
C SER A 189 0.95 -6.85 -2.84
N ALA A 190 1.29 -6.22 -1.70
CA ALA A 190 0.31 -5.76 -0.71
C ALA A 190 -0.17 -4.36 -1.07
N MET B 2 7.05 10.39 -17.31
CA MET B 2 6.60 9.00 -17.30
C MET B 2 7.80 8.05 -17.31
N ALA B 3 7.74 6.97 -16.52
CA ALA B 3 8.78 5.96 -16.54
C ALA B 3 8.65 5.06 -17.78
N HIS B 4 9.53 4.08 -17.90
CA HIS B 4 9.44 3.09 -18.98
C HIS B 4 8.89 1.82 -18.36
N SER B 5 8.24 0.99 -19.17
CA SER B 5 7.79 -0.30 -18.68
C SER B 5 9.02 -1.19 -18.48
N PRO B 6 8.91 -2.23 -17.65
CA PRO B 6 10.04 -3.15 -17.52
C PRO B 6 10.52 -3.61 -18.88
N PRO B 7 11.84 -3.78 -19.05
CA PRO B 7 12.32 -4.28 -20.33
C PRO B 7 11.62 -5.59 -20.76
N GLY B 8 11.20 -5.64 -22.01
CA GLY B 8 10.50 -6.82 -22.52
C GLY B 8 8.99 -6.87 -22.22
N HIS B 9 8.43 -5.81 -21.60
CA HIS B 9 7.01 -5.78 -21.22
C HIS B 9 6.29 -4.50 -21.72
N HIS B 10 4.96 -4.54 -21.88
CA HIS B 10 4.19 -3.33 -22.29
C HIS B 10 3.36 -2.65 -21.19
N SER B 11 3.33 -3.28 -20.02
CA SER B 11 2.56 -2.82 -18.88
C SER B 11 3.02 -3.57 -17.61
N VAL B 12 2.47 -3.14 -16.48
CA VAL B 12 2.58 -3.83 -15.18
C VAL B 12 1.21 -4.18 -14.65
N THR B 13 1.11 -5.39 -14.10
CA THR B 13 -0.06 -5.84 -13.35
C THR B 13 0.27 -5.87 -11.89
N GLY B 14 -0.48 -5.13 -11.10
CA GLY B 14 -0.38 -5.19 -9.67
C GLY B 14 -1.38 -6.20 -9.14
N ARG B 15 -0.88 -7.38 -8.78
CA ARG B 15 -1.71 -8.48 -8.30
C ARG B 15 -1.80 -8.35 -6.77
N PRO B 16 -3.02 -8.32 -6.23
CA PRO B 16 -3.13 -8.23 -4.78
C PRO B 16 -2.75 -9.53 -4.08
N SER B 17 -1.92 -9.46 -3.03
CA SER B 17 -1.43 -10.66 -2.30
C SER B 17 -1.68 -10.63 -0.77
N VAL B 18 -2.62 -9.80 -0.32
CA VAL B 18 -3.00 -9.70 1.11
C VAL B 18 -4.53 -9.68 1.17
N ASN B 19 -5.13 -8.67 0.54
CA ASN B 19 -6.57 -8.51 0.50
C ASN B 19 -7.11 -9.44 -0.57
N GLY B 20 -7.61 -10.57 -0.06
CA GLY B 20 -8.29 -11.52 -0.90
C GLY B 20 -9.48 -11.02 -1.67
N LEU B 21 -10.11 -9.89 -1.32
CA LEU B 21 -11.25 -9.48 -2.14
C LEU B 21 -10.91 -8.46 -3.24
N ALA B 22 -9.70 -7.93 -3.22
CA ALA B 22 -9.27 -6.86 -4.17
C ALA B 22 -9.08 -7.45 -5.53
N LEU B 23 -9.52 -6.74 -6.58
CA LEU B 23 -9.14 -7.13 -7.94
C LEU B 23 -7.84 -6.42 -8.36
N ALA B 24 -7.33 -6.76 -9.53
CA ALA B 24 -6.06 -6.25 -10.04
C ALA B 24 -6.14 -4.77 -10.43
N GLU B 25 -4.96 -4.16 -10.42
CA GLU B 25 -4.70 -2.83 -10.91
C GLU B 25 -3.59 -2.95 -11.97
N TYR B 26 -3.55 -2.02 -12.91
CA TYR B 26 -2.68 -2.10 -14.09
C TYR B 26 -2.07 -0.72 -14.37
N VAL B 27 -0.85 -0.72 -14.91
CA VAL B 27 -0.13 0.49 -15.24
C VAL B 27 0.39 0.40 -16.65
N ILE B 28 0.14 1.46 -17.43
CA ILE B 28 0.74 1.57 -18.76
C ILE B 28 1.65 2.78 -18.75
N TYR B 29 2.61 2.79 -19.67
CA TYR B 29 3.62 3.87 -19.69
C TYR B 29 3.58 4.69 -20.98
N ARG B 30 2.54 4.46 -21.81
CA ARG B 30 2.33 5.18 -23.05
C ARG B 30 0.84 5.53 -23.07
N GLY B 31 0.53 6.83 -23.24
CA GLY B 31 -0.84 7.28 -23.37
C GLY B 31 -1.66 6.64 -24.46
N GLU B 32 -1.01 6.24 -25.53
CA GLU B 32 -1.63 5.67 -26.70
C GLU B 32 -2.11 4.26 -26.49
N GLN B 33 -1.78 3.64 -25.35
CA GLN B 33 -2.29 2.31 -25.01
C GLN B 33 -3.62 2.27 -24.27
N ALA B 34 -4.34 3.40 -24.17
CA ALA B 34 -5.69 3.40 -23.66
C ALA B 34 -6.57 4.38 -24.47
N TYR B 35 -7.84 4.05 -24.59
CA TYR B 35 -8.82 4.91 -25.22
C TYR B 35 -10.01 5.04 -24.24
N PRO B 36 -10.40 6.27 -23.91
CA PRO B 36 -11.46 6.51 -22.93
C PRO B 36 -12.82 6.32 -23.59
N GLU B 37 -13.36 5.09 -23.56
CA GLU B 37 -14.53 4.74 -24.34
C GLU B 37 -15.87 5.21 -23.78
N TYR B 38 -16.04 5.16 -22.46
CA TYR B 38 -17.27 5.62 -21.82
C TYR B 38 -17.00 6.58 -20.68
N LEU B 39 -17.79 7.66 -20.66
CA LEU B 39 -17.84 8.61 -19.54
C LEU B 39 -19.11 8.33 -18.72
N ILE B 40 -18.91 7.98 -17.46
CA ILE B 40 -19.98 7.59 -16.57
C ILE B 40 -20.13 8.65 -15.48
N THR B 41 -21.33 9.22 -15.37
CA THR B 41 -21.64 10.21 -14.38
C THR B 41 -22.54 9.57 -13.31
N TYR B 42 -22.15 9.72 -12.05
CA TYR B 42 -22.82 8.97 -10.98
C TYR B 42 -22.71 9.68 -9.65
N GLN B 43 -23.46 9.19 -8.69
CA GLN B 43 -23.28 9.53 -7.30
C GLN B 43 -23.02 8.25 -6.53
N ILE B 44 -22.24 8.31 -5.46
CA ILE B 44 -22.18 7.20 -4.51
C ILE B 44 -23.45 7.23 -3.66
N MET B 45 -23.94 6.08 -3.25
CA MET B 45 -25.17 6.03 -2.45
C MET B 45 -24.93 5.72 -0.97
N ARG B 46 -25.56 6.50 -0.09
CA ARG B 46 -25.49 6.25 1.37
C ARG B 46 -26.12 4.89 1.70
N PRO B 47 -25.39 3.98 2.36
CA PRO B 47 -25.99 2.69 2.77
C PRO B 47 -27.17 2.88 3.71
N GLU B 48 -28.16 2.01 3.66
CA GLU B 48 -29.39 2.20 4.43
C GLU B 48 -29.21 1.92 5.91
N GLY C 30 -11.89 -3.97 12.86
CA GLY C 30 -11.91 -2.56 13.39
C GLY C 30 -10.70 -1.72 12.97
N THR C 31 -9.79 -2.29 12.21
CA THR C 31 -8.59 -1.57 11.81
C THR C 31 -8.88 -0.84 10.53
N ILE C 32 -8.57 0.43 10.46
CA ILE C 32 -8.50 1.10 9.16
C ILE C 32 -7.07 1.63 8.94
N LEU C 33 -6.70 1.67 7.66
CA LEU C 33 -5.40 2.14 7.21
C LEU C 33 -5.55 3.41 6.40
N ILE C 34 -4.82 4.45 6.79
CA ILE C 34 -4.89 5.76 6.12
C ILE C 34 -3.54 6.03 5.51
N ASP C 35 -3.51 6.18 4.19
CA ASP C 35 -2.28 6.55 3.50
C ASP C 35 -1.77 7.90 3.84
N LEU C 36 -0.47 8.00 4.02
CA LEU C 36 0.16 9.29 4.21
C LEU C 36 0.68 9.72 2.85
N SER C 37 0.61 11.02 2.58
CA SER C 37 1.17 11.60 1.36
C SER C 37 2.66 11.73 1.55
N PRO C 38 3.46 11.45 0.52
CA PRO C 38 4.90 11.74 0.57
C PRO C 38 5.23 13.20 0.81
N ASP C 39 4.27 14.09 0.55
CA ASP C 39 4.48 15.52 0.79
C ASP C 39 4.25 15.91 2.23
N ASP C 40 3.78 14.98 3.04
CA ASP C 40 3.46 15.21 4.44
C ASP C 40 4.77 15.05 5.27
N LYS C 41 5.02 15.98 6.17
CA LYS C 41 6.14 15.87 7.08
C LYS C 41 6.12 14.56 7.87
N GLU C 42 4.94 14.07 8.21
CA GLU C 42 4.85 12.79 8.93
C GLU C 42 5.45 11.61 8.13
N PHE C 43 5.07 11.49 6.86
CA PHE C 43 5.64 10.51 5.94
C PHE C 43 7.15 10.68 5.91
N GLN C 44 7.59 11.91 5.75
CA GLN C 44 9.00 12.18 5.55
C GLN C 44 9.82 11.78 6.78
N SER C 45 9.24 11.95 7.96
CA SER C 45 9.92 11.62 9.20
C SER C 45 10.11 10.09 9.36
N VAL C 46 9.06 9.36 9.00
CA VAL C 46 9.09 7.94 9.07
C VAL C 46 10.07 7.36 8.06
N GLU C 47 10.04 7.88 6.83
CA GLU C 47 11.01 7.45 5.85
C GLU C 47 12.43 7.71 6.36
N GLU C 48 12.69 8.89 6.93
CA GLU C 48 14.04 9.20 7.42
C GLU C 48 14.50 8.26 8.56
N GLU C 49 13.58 7.85 9.42
CA GLU C 49 13.91 6.89 10.45
C GLU C 49 14.26 5.52 9.84
N MET C 50 13.49 5.10 8.85
CA MET C 50 13.80 3.89 8.08
C MET C 50 15.21 3.94 7.45
N GLN C 51 15.43 4.96 6.64
CA GLN C 51 16.63 5.08 5.83
C GLN C 51 17.90 5.34 6.67
N SER C 52 17.76 6.16 7.70
CA SER C 52 18.91 6.53 8.52
C SER C 52 19.35 5.38 9.45
N THR C 53 18.54 4.34 9.64
CA THR C 53 18.89 3.28 10.56
C THR C 53 19.25 1.96 9.84
N VAL C 54 19.56 2.03 8.55
CA VAL C 54 20.15 0.91 7.83
C VAL C 54 21.61 0.78 8.28
N ARG C 55 22.05 -0.44 8.58
CA ARG C 55 23.44 -0.73 8.82
C ARG C 55 23.80 -2.03 8.10
N GLU C 56 25.10 -2.30 8.08
CA GLU C 56 25.65 -3.56 7.57
C GLU C 56 25.47 -4.62 8.63
N HIS C 57 25.21 -5.84 8.20
CA HIS C 57 24.96 -6.96 9.07
C HIS C 57 26.10 -7.99 8.95
N ARG C 58 26.37 -8.70 10.03
CA ARG C 58 27.56 -9.56 10.08
C ARG C 58 27.36 -10.83 9.26
N ASP C 59 26.12 -11.11 8.82
CA ASP C 59 25.87 -12.24 7.90
C ASP C 59 26.09 -11.94 6.43
N GLY C 60 26.68 -10.79 6.14
CA GLY C 60 26.94 -10.34 4.77
C GLY C 60 25.67 -10.12 3.94
N GLY C 61 24.49 -10.02 4.56
CA GLY C 61 23.24 -9.91 3.80
C GLY C 61 22.42 -11.19 3.65
N HIS C 62 22.89 -12.28 4.24
CA HIS C 62 22.26 -13.57 4.08
C HIS C 62 20.78 -13.59 4.45
N ALA C 63 20.42 -13.05 5.61
CA ALA C 63 19.01 -13.09 6.08
C ALA C 63 18.15 -12.05 5.40
N GLY C 64 18.64 -10.83 5.33
CA GLY C 64 17.87 -9.71 4.87
C GLY C 64 18.12 -9.17 3.47
N GLY C 65 19.24 -9.55 2.85
CA GLY C 65 19.64 -9.02 1.55
C GLY C 65 20.78 -8.02 1.60
N ILE C 66 21.27 -7.68 0.42
CA ILE C 66 22.37 -6.73 0.27
C ILE C 66 21.76 -5.41 -0.19
N PHE C 67 21.90 -4.40 0.64
CA PHE C 67 21.37 -3.06 0.38
C PHE C 67 21.93 -2.03 1.35
N ASN C 68 21.94 -0.78 0.90
CA ASN C 68 22.27 0.37 1.72
C ASN C 68 21.08 1.29 2.00
N ARG C 69 19.98 1.12 1.27
CA ARG C 69 18.81 1.99 1.38
C ARG C 69 17.59 1.28 0.81
N TYR C 70 16.42 1.83 1.09
CA TYR C 70 15.16 1.29 0.62
C TYR C 70 14.53 2.20 -0.43
N ASN C 71 13.65 1.62 -1.22
CA ASN C 71 12.63 2.38 -1.97
C ASN C 71 11.28 2.31 -1.18
N ILE C 72 10.88 3.40 -0.55
CA ILE C 72 9.65 3.41 0.23
C ILE C 72 8.46 3.58 -0.74
N LEU C 73 7.55 2.63 -0.74
CA LEU C 73 6.43 2.64 -1.68
C LEU C 73 5.18 3.24 -1.08
N LYS C 74 4.98 3.03 0.23
CA LYS C 74 3.80 3.52 0.91
C LYS C 74 4.00 3.52 2.43
N ILE C 75 3.43 4.52 3.11
CA ILE C 75 3.34 4.53 4.56
C ILE C 75 1.89 4.77 4.97
N GLN C 76 1.33 3.85 5.74
CA GLN C 76 -0.05 3.93 6.22
C GLN C 76 -0.11 4.06 7.76
N LYS C 77 -0.94 4.96 8.23
CA LYS C 77 -1.26 5.01 9.64
C LYS C 77 -2.26 3.92 9.92
N VAL C 78 -2.06 3.22 11.04
CA VAL C 78 -2.90 2.08 11.46
C VAL C 78 -3.83 2.53 12.59
N CYS C 79 -5.14 2.43 12.38
CA CYS C 79 -6.09 3.00 13.36
C CYS C 79 -7.03 1.92 13.81
N ASN C 80 -7.02 1.63 15.09
CA ASN C 80 -7.94 0.64 15.63
C ASN C 80 -8.17 1.03 17.08
N LYS C 81 -9.37 1.50 17.35
CA LYS C 81 -9.74 2.09 18.63
C LYS C 81 -9.62 1.10 19.77
N LYS C 82 -10.10 -0.11 19.57
CA LYS C 82 -9.98 -1.14 20.58
C LYS C 82 -8.50 -1.44 20.94
N LEU C 83 -7.64 -1.62 19.92
CA LEU C 83 -6.25 -1.99 20.18
C LEU C 83 -5.54 -0.83 20.85
N TRP C 84 -5.93 0.38 20.50
CA TRP C 84 -5.32 1.59 21.05
C TRP C 84 -5.64 1.71 22.54
N GLU C 85 -6.90 1.50 22.88
CA GLU C 85 -7.32 1.55 24.26
C GLU C 85 -6.66 0.44 25.07
N ARG C 86 -6.54 -0.77 24.52
CA ARG C 86 -5.78 -1.85 25.15
C ARG C 86 -4.33 -1.36 25.44
N TYR C 87 -3.70 -0.76 24.43
CA TYR C 87 -2.33 -0.20 24.58
C TYR C 87 -2.21 0.86 25.70
N THR C 88 -3.08 1.88 25.68
CA THR C 88 -3.01 3.00 26.63
C THR C 88 -3.35 2.58 28.05
N HIS C 89 -4.19 1.56 28.19
CA HIS C 89 -4.49 1.06 29.52
C HIS C 89 -3.26 0.40 30.12
N ARG C 90 -2.58 -0.43 29.33
CA ARG C 90 -1.35 -1.07 29.80
C ARG C 90 -0.26 -0.04 30.05
N ARG C 91 -0.20 0.99 29.21
CA ARG C 91 0.83 2.00 29.35
C ARG C 91 0.70 2.77 30.69
N LYS C 92 -0.55 3.02 31.09
CA LYS C 92 -0.84 3.68 32.37
C LYS C 92 -0.45 2.79 33.54
N GLU C 93 -0.68 1.48 33.48
CA GLU C 93 -0.25 0.57 34.58
C GLU C 93 1.25 0.54 34.67
N VAL C 94 1.91 0.46 33.51
CA VAL C 94 3.37 0.43 33.47
C VAL C 94 3.95 1.74 33.99
N SER C 95 3.44 2.84 33.48
CA SER C 95 3.92 4.13 33.89
C SER C 95 3.85 4.35 35.42
N GLU C 96 2.74 3.92 36.03
CA GLU C 96 2.51 4.08 37.47
C GLU C 96 3.45 3.17 38.24
N GLU C 97 3.59 1.92 37.82
CA GLU C 97 4.58 1.04 38.40
C GLU C 97 6.00 1.58 38.28
N ASN C 98 6.28 2.37 37.25
CA ASN C 98 7.63 2.89 37.02
C ASN C 98 7.75 4.37 37.42
N HIS C 99 6.97 4.77 38.43
CA HIS C 99 6.99 6.08 39.03
C HIS C 99 6.77 7.19 38.03
N ASN C 100 5.67 7.02 37.28
CA ASN C 100 5.19 7.95 36.28
C ASN C 100 6.15 8.16 35.06
N HIS C 101 6.67 7.07 34.52
CA HIS C 101 7.53 7.09 33.33
C HIS C 101 7.30 5.83 32.50
N ALA C 102 6.51 5.98 31.44
CA ALA C 102 6.20 4.92 30.49
C ALA C 102 7.43 4.42 29.75
N ASN C 103 8.39 5.31 29.52
CA ASN C 103 9.62 4.98 28.76
C ASN C 103 9.20 4.48 27.38
N GLU C 104 8.44 5.32 26.68
CA GLU C 104 7.85 4.93 25.40
C GLU C 104 8.75 5.26 24.22
N ARG C 105 8.90 4.31 23.29
CA ARG C 105 9.79 4.47 22.15
C ARG C 105 9.01 4.16 20.88
N MET C 106 9.58 4.57 19.75
CA MET C 106 9.09 4.15 18.41
C MET C 106 10.16 3.21 17.89
N LEU C 107 9.74 1.99 17.57
CA LEU C 107 10.66 0.93 17.17
C LEU C 107 10.12 0.05 16.03
N PHE C 108 11.03 -0.57 15.29
CA PHE C 108 10.65 -1.40 14.13
C PHE C 108 10.33 -2.81 14.52
N HIS C 109 9.38 -3.43 13.77
CA HIS C 109 9.09 -4.87 13.90
C HIS C 109 8.82 -5.46 12.51
N GLY C 110 9.56 -6.50 12.16
CA GLY C 110 9.40 -7.17 10.86
C GLY C 110 8.96 -8.60 11.08
N SER C 111 7.91 -9.02 10.39
CA SER C 111 7.33 -10.34 10.61
C SER C 111 6.48 -10.80 9.43
N PRO C 112 6.48 -12.10 9.15
CA PRO C 112 5.45 -12.57 8.21
C PRO C 112 4.00 -12.41 8.73
N PHE C 113 3.78 -12.12 10.00
CA PHE C 113 2.40 -11.99 10.54
C PHE C 113 1.92 -10.54 10.63
N VAL C 114 2.61 -9.64 9.93
CA VAL C 114 2.26 -8.21 9.97
C VAL C 114 0.74 -7.98 9.71
N ASN C 115 0.16 -8.79 8.83
CA ASN C 115 -1.27 -8.66 8.47
C ASN C 115 -2.17 -8.98 9.66
N ALA C 116 -1.87 -10.06 10.34
CA ALA C 116 -2.54 -10.43 11.56
C ALA C 116 -2.35 -9.39 12.66
N ILE C 117 -1.13 -8.91 12.83
CA ILE C 117 -0.83 -7.97 13.91
C ILE C 117 -1.66 -6.67 13.81
N ILE C 118 -1.74 -6.09 12.63
CA ILE C 118 -2.49 -4.86 12.50
C ILE C 118 -4.01 -5.02 12.78
N HIS C 119 -4.52 -6.23 12.56
CA HIS C 119 -5.94 -6.51 12.80
C HIS C 119 -6.22 -6.98 14.20
N LYS C 120 -5.38 -7.86 14.74
CA LYS C 120 -5.65 -8.45 16.04
C LYS C 120 -4.73 -7.98 17.16
N GLY C 121 -3.64 -7.30 16.83
CA GLY C 121 -2.71 -6.80 17.85
C GLY C 121 -1.60 -7.78 18.13
N PHE C 122 -0.57 -7.35 18.87
CA PHE C 122 0.47 -8.31 19.26
C PHE C 122 -0.07 -9.24 20.34
N ASP C 123 0.34 -10.50 20.33
CA ASP C 123 0.15 -11.37 21.53
C ASP C 123 1.17 -12.53 21.53
N GLU C 124 1.03 -13.46 22.48
CA GLU C 124 1.93 -14.64 22.54
C GLU C 124 2.27 -15.34 21.19
N ARG C 125 1.39 -15.23 20.19
CA ARG C 125 1.61 -15.85 18.87
C ARG C 125 2.78 -15.22 18.10
N HIS C 126 3.17 -14.00 18.50
CA HIS C 126 4.18 -13.19 17.78
C HIS C 126 5.55 -13.16 18.49
N ALA C 127 5.68 -14.02 19.51
CA ALA C 127 6.89 -14.17 20.35
C ALA C 127 7.97 -15.00 19.68
N TYR C 128 9.21 -14.60 19.91
CA TYR C 128 10.37 -15.26 19.33
C TYR C 128 10.87 -16.22 20.40
N ILE C 129 10.42 -17.47 20.29
CA ILE C 129 10.62 -18.41 21.37
C ILE C 129 12.11 -18.67 21.57
N GLY C 130 12.88 -18.67 20.48
CA GLY C 130 14.32 -18.91 20.58
C GLY C 130 15.17 -17.67 20.67
N GLY C 131 14.57 -16.54 21.05
CA GLY C 131 15.32 -15.30 21.12
C GLY C 131 16.37 -15.31 22.25
N MET C 132 17.51 -14.67 22.00
CA MET C 132 18.59 -14.51 22.97
C MET C 132 18.22 -13.85 24.32
N PHE C 133 17.18 -13.04 24.35
CA PHE C 133 16.73 -12.42 25.59
C PHE C 133 15.42 -13.01 26.09
N GLY C 134 15.19 -14.26 25.76
CA GLY C 134 13.99 -14.95 26.21
C GLY C 134 12.85 -14.84 25.23
N ALA C 135 11.79 -15.56 25.55
CA ALA C 135 10.63 -15.71 24.67
C ALA C 135 9.67 -14.54 24.88
N GLY C 136 9.82 -13.53 24.03
CA GLY C 136 8.97 -12.34 24.10
C GLY C 136 8.91 -11.74 22.70
N ILE C 137 8.41 -10.53 22.60
CA ILE C 137 8.23 -9.90 21.28
C ILE C 137 9.36 -8.89 21.10
N TYR C 138 10.07 -9.00 19.99
CA TYR C 138 11.30 -8.29 19.69
C TYR C 138 11.07 -7.10 18.76
N PHE C 139 11.73 -5.98 19.07
CA PHE C 139 11.72 -4.76 18.29
C PHE C 139 13.13 -4.24 18.13
N ALA C 140 13.40 -3.52 17.04
CA ALA C 140 14.74 -3.05 16.75
C ALA C 140 14.77 -1.53 16.51
N GLU C 141 15.85 -0.89 16.96
CA GLU C 141 16.19 0.47 16.53
C GLU C 141 16.68 0.51 15.08
N ASN C 142 17.40 -0.53 14.62
CA ASN C 142 17.82 -0.58 13.21
C ASN C 142 16.68 -1.14 12.34
N SER C 143 16.16 -0.34 11.41
CA SER C 143 15.18 -0.85 10.43
C SER C 143 15.72 -2.14 9.72
N SER C 144 17.02 -2.16 9.38
CA SER C 144 17.65 -3.30 8.68
C SER C 144 17.69 -4.58 9.53
N LYS C 145 17.68 -4.43 10.85
CA LYS C 145 17.60 -5.61 11.72
C LYS C 145 16.19 -6.24 11.61
N SER C 146 15.13 -5.43 11.75
CA SER C 146 13.75 -5.94 11.53
C SER C 146 13.54 -6.46 10.11
N ASN C 147 14.20 -5.89 9.10
CA ASN C 147 14.12 -6.39 7.69
C ASN C 147 14.59 -7.86 7.57
N GLN C 148 15.52 -8.29 8.42
CA GLN C 148 16.00 -9.70 8.43
C GLN C 148 14.89 -10.72 8.84
N TYR C 149 13.79 -10.26 9.45
CA TYR C 149 12.71 -11.14 9.91
C TYR C 149 11.41 -11.04 9.07
N VAL C 150 11.39 -10.17 8.06
CA VAL C 150 10.17 -9.96 7.24
C VAL C 150 9.68 -11.27 6.63
N TYR C 151 10.62 -12.04 6.14
CA TYR C 151 10.31 -13.35 5.60
C TYR C 151 10.48 -14.51 6.58
N GLY C 152 10.57 -14.22 7.89
CA GLY C 152 10.72 -15.29 8.90
C GLY C 152 12.09 -15.28 9.56
N ILE C 153 12.30 -16.16 10.53
CA ILE C 153 13.58 -16.22 11.25
C ILE C 153 14.70 -16.56 10.28
N GLY C 154 15.79 -15.82 10.35
CA GLY C 154 16.90 -16.02 9.45
C GLY C 154 16.60 -15.59 8.02
N GLY C 155 15.48 -14.89 7.83
CA GLY C 155 15.00 -14.54 6.50
C GLY C 155 14.18 -15.65 5.81
N GLY C 156 13.96 -16.76 6.52
CA GLY C 156 13.27 -17.94 5.97
C GLY C 156 13.88 -18.37 4.65
N THR C 157 13.04 -18.64 3.65
CA THR C 157 13.55 -18.95 2.32
C THR C 157 13.35 -17.77 1.36
N GLY C 158 13.17 -16.57 1.89
CA GLY C 158 13.09 -15.36 1.07
C GLY C 158 11.71 -15.06 0.54
N CYS C 159 11.63 -14.23 -0.48
CA CYS C 159 10.33 -13.79 -0.97
C CYS C 159 9.54 -15.03 -1.45
N PRO C 160 8.20 -14.97 -1.38
CA PRO C 160 7.45 -16.14 -1.89
C PRO C 160 7.66 -16.43 -3.36
N VAL C 161 7.80 -15.39 -4.18
CA VAL C 161 7.79 -15.57 -5.63
C VAL C 161 9.12 -16.10 -6.12
N HIS C 162 10.24 -15.58 -5.62
CA HIS C 162 11.54 -15.94 -6.17
C HIS C 162 12.42 -16.77 -5.24
N LYS C 163 12.01 -16.98 -3.99
CA LYS C 163 12.81 -17.62 -2.97
C LYS C 163 14.15 -16.92 -2.84
N ASP C 164 14.14 -15.57 -2.81
CA ASP C 164 15.36 -14.81 -2.76
C ASP C 164 15.31 -13.88 -1.53
N ARG C 165 16.18 -14.15 -0.55
CA ARG C 165 16.24 -13.31 0.64
C ARG C 165 16.72 -11.89 0.29
N SER C 166 17.42 -11.76 -0.86
CA SER C 166 17.84 -10.45 -1.31
C SER C 166 17.00 -9.96 -2.49
N CYS C 167 15.74 -10.40 -2.61
CA CYS C 167 14.90 -9.98 -3.75
C CYS C 167 14.78 -8.46 -3.78
N TYR C 168 15.07 -7.86 -4.93
CA TYR C 168 14.86 -6.41 -5.19
C TYR C 168 13.55 -6.06 -5.91
N ILE C 169 12.75 -7.07 -6.21
CA ILE C 169 11.51 -6.87 -6.94
C ILE C 169 10.33 -6.88 -5.99
N CYS C 170 10.29 -7.88 -5.12
CA CYS C 170 9.10 -8.10 -4.30
C CYS C 170 8.95 -7.08 -3.16
N HIS C 171 7.70 -6.70 -2.92
CA HIS C 171 7.31 -5.67 -1.93
C HIS C 171 7.37 -6.24 -0.53
N ARG C 172 8.04 -5.55 0.41
CA ARG C 172 8.14 -5.96 1.80
C ARG C 172 7.34 -5.04 2.65
N GLN C 173 6.96 -5.48 3.85
CA GLN C 173 6.31 -4.62 4.82
C GLN C 173 6.96 -4.72 6.22
N LEU C 174 7.10 -3.58 6.92
CA LEU C 174 7.61 -3.49 8.30
C LEU C 174 6.58 -2.67 9.05
N LEU C 175 6.58 -2.80 10.38
CA LEU C 175 5.82 -1.94 11.24
C LEU C 175 6.76 -1.03 11.97
N PHE C 176 6.30 0.18 12.20
CA PHE C 176 7.00 1.11 13.08
C PHE C 176 6.01 1.35 14.21
N CYS C 177 6.39 0.94 15.42
CA CYS C 177 5.46 0.72 16.50
C CYS C 177 5.78 1.58 17.71
N ARG C 178 4.74 1.92 18.44
CA ARG C 178 4.89 2.60 19.71
C ARG C 178 5.03 1.50 20.76
N VAL C 179 6.09 1.56 21.58
CA VAL C 179 6.42 0.49 22.52
C VAL C 179 6.68 1.01 23.92
N THR C 180 5.94 0.49 24.91
CA THR C 180 6.13 0.88 26.31
C THR C 180 7.20 -0.02 26.93
N LEU C 181 8.35 0.55 27.28
CA LEU C 181 9.44 -0.22 27.90
C LEU C 181 9.36 -0.30 29.42
N GLY C 182 8.79 0.72 30.03
CA GLY C 182 8.83 0.89 31.46
C GLY C 182 10.26 0.75 31.98
N LYS C 183 10.39 0.07 33.11
CA LYS C 183 11.66 -0.29 33.67
C LYS C 183 12.30 -1.39 32.84
N SER C 184 13.33 -1.07 32.06
CA SER C 184 13.93 -2.02 31.16
C SER C 184 15.25 -2.62 31.73
N PHE C 185 15.37 -3.93 31.68
CA PHE C 185 16.58 -4.60 32.17
C PHE C 185 17.63 -4.51 31.09
N LEU C 186 18.77 -3.90 31.43
CA LEU C 186 19.85 -3.76 30.48
C LEU C 186 20.69 -5.01 30.37
N GLN C 187 20.69 -5.63 29.21
CA GLN C 187 21.48 -6.81 28.97
C GLN C 187 22.48 -6.49 27.87
N PHE C 188 23.77 -6.47 28.18
CA PHE C 188 24.81 -6.30 27.13
C PHE C 188 24.91 -7.62 26.38
N SER C 189 25.07 -7.59 25.08
CA SER C 189 25.18 -8.81 24.31
C SER C 189 26.41 -8.79 23.47
N ALA C 190 26.93 -9.97 23.20
CA ALA C 190 28.18 -10.15 22.52
C ALA C 190 28.15 -9.81 21.01
N MET C 191 26.96 -9.53 20.46
CA MET C 191 26.83 -9.13 19.06
C MET C 191 27.50 -7.78 18.76
N MET D 2 5.00 -17.57 26.16
CA MET D 2 5.70 -16.27 26.41
C MET D 2 6.27 -16.17 27.83
N ALA D 3 7.58 -15.97 27.93
CA ALA D 3 8.29 -15.81 29.20
C ALA D 3 7.80 -14.57 29.94
N HIS D 4 8.16 -14.47 31.22
CA HIS D 4 7.87 -13.30 32.03
C HIS D 4 9.07 -12.39 31.92
N SER D 5 8.86 -11.11 32.18
CA SER D 5 9.96 -10.16 32.19
C SER D 5 10.70 -10.29 33.51
N PRO D 6 11.99 -9.91 33.52
CA PRO D 6 12.77 -9.88 34.74
C PRO D 6 11.99 -9.27 35.92
N PRO D 7 12.01 -9.92 37.10
CA PRO D 7 11.32 -9.34 38.26
C PRO D 7 11.67 -7.87 38.49
N GLY D 8 10.64 -7.08 38.74
CA GLY D 8 10.80 -5.66 38.89
C GLY D 8 11.03 -4.92 37.58
N HIS D 9 10.88 -5.60 36.43
CA HIS D 9 11.13 -4.96 35.11
C HIS D 9 10.00 -5.19 34.13
N HIS D 10 9.84 -4.30 33.16
CA HIS D 10 8.74 -4.41 32.18
C HIS D 10 9.20 -4.79 30.75
N SER D 11 10.50 -4.96 30.58
CA SER D 11 11.08 -5.20 29.27
C SER D 11 12.56 -5.45 29.44
N VAL D 12 13.20 -5.87 28.36
CA VAL D 12 14.63 -6.05 28.31
C VAL D 12 15.17 -5.23 27.16
N THR D 13 16.31 -4.57 27.43
CA THR D 13 17.11 -3.86 26.45
C THR D 13 18.34 -4.73 26.13
N GLY D 14 18.40 -5.23 24.90
CA GLY D 14 19.54 -5.98 24.40
C GLY D 14 20.47 -5.04 23.67
N ARG D 15 21.65 -4.81 24.23
CA ARG D 15 22.54 -3.77 23.70
C ARG D 15 23.82 -4.34 23.16
N PRO D 16 24.06 -4.23 21.85
CA PRO D 16 25.30 -4.83 21.34
C PRO D 16 26.55 -4.16 21.87
N SER D 17 27.50 -4.95 22.32
CA SER D 17 28.73 -4.44 22.89
C SER D 17 29.98 -4.66 22.02
N VAL D 18 29.90 -5.47 20.96
CA VAL D 18 31.06 -5.67 20.05
C VAL D 18 30.97 -4.80 18.77
N ASN D 19 29.85 -4.89 18.06
CA ASN D 19 29.69 -4.03 16.89
C ASN D 19 29.21 -2.64 17.35
N GLY D 20 30.11 -1.66 17.35
CA GLY D 20 29.79 -0.35 17.89
C GLY D 20 28.79 0.44 17.06
N LEU D 21 28.46 -0.06 15.88
CA LEU D 21 27.48 0.61 15.02
C LEU D 21 26.12 -0.05 15.09
N ALA D 22 26.01 -1.14 15.84
CA ALA D 22 24.73 -1.81 15.98
C ALA D 22 23.89 -1.17 17.06
N LEU D 23 22.62 -0.90 16.74
CA LEU D 23 21.74 -0.27 17.73
C LEU D 23 21.08 -1.34 18.59
N ALA D 24 20.29 -0.91 19.56
CA ALA D 24 19.69 -1.84 20.51
C ALA D 24 18.49 -2.55 19.95
N GLU D 25 18.21 -3.67 20.60
CA GLU D 25 17.01 -4.45 20.37
C GLU D 25 16.26 -4.51 21.69
N TYR D 26 14.95 -4.63 21.63
CA TYR D 26 14.12 -4.54 22.84
C TYR D 26 13.12 -5.67 22.84
N VAL D 27 12.83 -6.19 24.04
CA VAL D 27 11.92 -7.32 24.24
C VAL D 27 10.83 -6.99 25.25
N ILE D 28 9.59 -7.29 24.88
CA ILE D 28 8.45 -7.15 25.77
C ILE D 28 7.75 -8.48 25.92
N TYR D 29 7.07 -8.65 27.06
CA TYR D 29 6.50 -9.94 27.40
C TYR D 29 4.98 -9.83 27.50
N ARG D 30 4.44 -8.69 27.09
CA ARG D 30 2.99 -8.43 27.01
C ARG D 30 2.66 -7.80 25.66
N GLY D 31 1.72 -8.37 24.92
CA GLY D 31 1.34 -7.82 23.62
C GLY D 31 0.76 -6.42 23.71
N GLU D 32 0.14 -6.12 24.86
CA GLU D 32 -0.45 -4.81 25.09
C GLU D 32 0.52 -3.68 25.27
N GLN D 33 1.82 -3.97 25.35
CA GLN D 33 2.86 -2.92 25.48
C GLN D 33 3.42 -2.44 24.17
N ALA D 34 2.80 -2.83 23.06
CA ALA D 34 3.13 -2.27 21.75
C ALA D 34 1.87 -1.97 20.90
N TYR D 35 1.95 -0.93 20.08
CA TYR D 35 0.86 -0.60 19.17
C TYR D 35 1.46 -0.37 17.78
N PRO D 36 1.00 -1.13 16.75
CA PRO D 36 1.57 -1.02 15.41
C PRO D 36 1.06 0.22 14.73
N GLU D 37 1.76 1.31 14.94
CA GLU D 37 1.23 2.60 14.51
C GLU D 37 1.36 2.90 13.01
N TYR D 38 2.46 2.49 12.38
CA TYR D 38 2.68 2.75 10.95
C TYR D 38 2.98 1.43 10.23
N LEU D 39 2.35 1.22 9.06
CA LEU D 39 2.65 0.10 8.18
C LEU D 39 3.40 0.60 6.95
N ILE D 40 4.61 0.10 6.75
CA ILE D 40 5.55 0.64 5.74
C ILE D 40 5.77 -0.44 4.68
N THR D 41 5.47 -0.10 3.43
CA THR D 41 5.68 -1.00 2.28
C THR D 41 6.84 -0.47 1.46
N TYR D 42 7.79 -1.35 1.17
CA TYR D 42 9.07 -0.96 0.57
C TYR D 42 9.75 -2.07 -0.22
N GLN D 43 10.80 -1.69 -0.96
CA GLN D 43 11.72 -2.65 -1.56
C GLN D 43 13.10 -2.31 -1.01
N ILE D 44 13.96 -3.30 -0.85
CA ILE D 44 15.39 -3.03 -0.63
C ILE D 44 15.94 -2.66 -2.02
N MET D 45 16.95 -1.78 -2.09
CA MET D 45 17.55 -1.34 -3.36
C MET D 45 18.94 -1.98 -3.61
N ARG D 46 19.18 -2.45 -4.84
CA ARG D 46 20.50 -3.02 -5.18
C ARG D 46 21.57 -1.92 -5.18
N PRO D 47 22.71 -2.08 -4.45
CA PRO D 47 23.67 -0.97 -4.48
C PRO D 47 24.27 -0.67 -5.87
N GLU D 48 24.75 0.56 -6.05
CA GLU D 48 25.58 1.05 -7.21
C GLU D 48 24.80 1.09 -8.49
CAK 1UR E . -6.69 6.62 -11.17
CAL 1UR E . -7.19 5.31 -11.07
OAM 1UR E . -8.30 5.00 -11.56
CAN 1UR E . -6.39 4.38 -10.33
CAO 1UR E . -6.74 3.04 -10.28
CAP 1UR E . -5.98 2.14 -9.54
CAQ 1UR E . -4.82 2.54 -8.85
CAR 1UR E . -4.44 3.89 -8.94
CAS 1UR E . -5.23 4.77 -9.68
OAT 1UR E . -4.83 6.08 -9.77
CAJ 1UR E . -5.49 6.99 -10.53
CAG 1UR E . -4.87 8.29 -10.54
CAF 1UR E . -5.37 9.41 -11.26
CAE 1UR E . -4.71 10.66 -11.23
CAD 1UR E . -3.53 10.87 -10.48
CAB 1UR E . -2.89 12.16 -10.44
OAC 1UR E . -1.80 12.37 -9.86
OAA 1UR E . -3.41 13.13 -10.98
CAI 1UR E . -3.05 9.77 -9.77
CAH 1UR E . -3.69 8.53 -9.79
ZN ZN F . -20.39 17.70 -2.53
S SO4 G . -7.53 -0.66 -0.61
O1 SO4 G . -6.45 -0.27 0.24
O2 SO4 G . -7.99 0.39 -1.51
O3 SO4 G . -6.89 -1.61 -1.52
O4 SO4 G . -8.60 -1.37 0.11
S SO4 H . -27.25 -0.29 0.35
O1 SO4 H . -27.01 0.83 -0.61
O2 SO4 H . -28.12 0.14 1.49
O3 SO4 H . -27.81 -1.43 -0.40
O4 SO4 H . -25.98 -0.77 0.91
C1 GOL I . -5.90 -13.89 -1.09
O1 GOL I . -5.76 -13.35 0.24
C2 GOL I . -4.73 -13.60 -2.05
O2 GOL I . -4.25 -12.25 -2.00
C3 GOL I . -3.60 -14.59 -1.74
O3 GOL I . -4.14 -15.77 -1.09
CAK 1UR J . 11.04 -9.25 14.53
CAL 1UR J . 11.92 -8.17 14.69
OAM 1UR J . 11.60 -7.05 14.26
CAN 1UR J . 13.10 -8.38 15.43
CAO 1UR J . 13.93 -7.32 15.82
CAP 1UR J . 15.08 -7.53 16.58
CAQ 1UR J . 15.42 -8.82 17.00
CAR 1UR J . 14.60 -9.90 16.67
CAS 1UR J . 13.45 -9.67 15.91
OAT 1UR J . 12.66 -10.70 15.66
CAJ 1UR J . 11.45 -10.52 15.01
CAG 1UR J . 10.70 -11.70 14.86
CAF 1UR J . 9.52 -11.80 14.09
CAE 1UR J . 8.83 -13.02 14.00
CAD 1UR J . 9.27 -14.17 14.66
CAB 1UR J . 8.56 -15.40 14.59
OAC 1UR J . 7.44 -15.45 14.02
OAA 1UR J . 8.99 -16.43 15.16
CAI 1UR J . 10.44 -14.06 15.42
CAH 1UR J . 11.13 -12.86 15.51
ZN ZN K . 10.89 -11.80 -5.11
S SO4 L . 23.88 -8.74 12.79
O1 SO4 L . 24.96 -7.88 12.26
O2 SO4 L . 23.13 -8.10 13.87
O3 SO4 L . 22.80 -8.99 11.84
O4 SO4 L . 24.45 -9.96 13.30
S SO4 M . 23.71 2.68 -3.25
O1 SO4 M . 24.79 1.92 -2.59
O2 SO4 M . 23.62 4.05 -2.74
O3 SO4 M . 24.10 2.58 -4.66
O4 SO4 M . 22.33 2.09 -3.03
#